data_1F0F
#
_entry.id   1F0F
#
_cell.length_a   1.000
_cell.length_b   1.000
_cell.length_c   1.000
_cell.angle_alpha   90.00
_cell.angle_beta   90.00
_cell.angle_gamma   90.00
#
_symmetry.space_group_name_H-M   'P 1'
#
_entity_poly.entity_id   1
_entity_poly.type   'polypeptide(L)'
_entity_poly.pdbx_seq_one_letter_code
;KWKLFKKIKFLHSAKKF(NH2)
;
_entity_poly.pdbx_strand_id   A
#
# COMPACT_ATOMS: atom_id res chain seq x y z
N LYS A 1 2.56 -10.66 12.60
CA LYS A 1 2.46 -9.94 11.30
C LYS A 1 1.52 -10.69 10.35
N TRP A 2 0.89 -9.99 9.45
CA TRP A 2 -0.04 -10.65 8.49
C TRP A 2 0.33 -10.29 7.05
N LYS A 3 0.35 -9.02 6.73
CA LYS A 3 0.69 -8.60 5.35
C LYS A 3 1.00 -7.10 5.30
N LEU A 4 2.23 -6.73 5.53
CA LEU A 4 2.57 -5.27 5.49
C LEU A 4 2.78 -4.83 4.03
N PHE A 5 2.90 -5.77 3.15
CA PHE A 5 3.09 -5.42 1.72
C PHE A 5 1.90 -4.59 1.26
N LYS A 6 0.84 -4.64 2.00
CA LYS A 6 -0.37 -3.85 1.65
C LYS A 6 -0.05 -2.36 1.77
N LYS A 7 0.80 -2.02 2.70
CA LYS A 7 1.17 -0.59 2.87
C LYS A 7 1.85 -0.09 1.59
N ILE A 8 2.53 -0.97 0.92
CA ILE A 8 3.18 -0.56 -0.36
C ILE A 8 2.11 -0.29 -1.40
N LYS A 9 0.92 -0.79 -1.16
CA LYS A 9 -0.19 -0.54 -2.11
C LYS A 9 -0.60 0.92 -1.99
N PHE A 10 -0.36 1.50 -0.86
CA PHE A 10 -0.71 2.93 -0.67
C PHE A 10 0.12 3.77 -1.63
N LEU A 11 1.27 3.29 -1.99
CA LEU A 11 2.14 4.05 -2.94
C LEU A 11 1.49 4.01 -4.32
N HIS A 12 0.75 2.98 -4.59
CA HIS A 12 0.06 2.86 -5.89
C HIS A 12 -1.16 3.77 -5.88
N SER A 13 -1.76 3.89 -4.74
CA SER A 13 -2.95 4.77 -4.60
C SER A 13 -2.49 6.22 -4.69
N ALA A 14 -1.26 6.46 -4.36
CA ALA A 14 -0.71 7.85 -4.43
C ALA A 14 -0.29 8.15 -5.87
N LYS A 15 -0.20 7.13 -6.67
CA LYS A 15 0.19 7.32 -8.09
C LYS A 15 -0.87 8.16 -8.81
N LYS A 16 -1.71 7.54 -9.60
CA LYS A 16 -2.77 8.32 -10.31
C LYS A 16 -3.86 8.73 -9.33
N PHE A 17 -4.07 10.01 -9.16
CA PHE A 17 -5.13 10.47 -8.21
C PHE A 17 -6.19 11.29 -8.96
N LYS A 1 5.61 12.08 -6.08
CA LYS A 1 4.40 12.32 -5.24
C LYS A 1 3.19 12.58 -6.14
N TRP A 2 2.56 11.54 -6.64
CA TRP A 2 1.38 11.72 -7.52
C TRP A 2 0.39 10.57 -7.35
N LYS A 3 0.88 9.38 -7.08
CA LYS A 3 -0.03 8.22 -6.89
C LYS A 3 0.31 7.49 -5.60
N LEU A 4 -0.06 8.05 -4.49
CA LEU A 4 0.25 7.40 -3.18
C LEU A 4 -0.76 6.29 -2.89
N PHE A 5 -1.78 6.19 -3.69
CA PHE A 5 -2.80 5.11 -3.46
C PHE A 5 -2.17 3.75 -3.75
N LYS A 6 -1.04 3.75 -4.38
CA LYS A 6 -0.36 2.46 -4.67
C LYS A 6 0.47 2.05 -3.47
N LYS A 7 0.73 2.97 -2.59
CA LYS A 7 1.52 2.65 -1.38
C LYS A 7 0.61 1.95 -0.38
N ILE A 8 -0.66 2.19 -0.48
CA ILE A 8 -1.61 1.52 0.45
C ILE A 8 -1.73 0.05 0.05
N LYS A 9 -1.38 -0.26 -1.16
CA LYS A 9 -1.43 -1.67 -1.61
C LYS A 9 -0.25 -2.43 -1.03
N PHE A 10 0.74 -1.73 -0.57
CA PHE A 10 1.93 -2.40 0.02
C PHE A 10 1.60 -2.87 1.44
N LEU A 11 0.83 -2.10 2.15
CA LEU A 11 0.45 -2.50 3.53
C LEU A 11 -0.60 -3.60 3.43
N HIS A 12 -1.21 -3.73 2.29
CA HIS A 12 -2.22 -4.79 2.10
C HIS A 12 -1.49 -6.11 1.98
N SER A 13 -0.36 -6.08 1.33
CA SER A 13 0.44 -7.33 1.19
C SER A 13 0.69 -7.89 2.58
N ALA A 14 0.59 -7.06 3.58
CA ALA A 14 0.81 -7.53 4.97
C ALA A 14 -0.35 -8.44 5.40
N LYS A 15 -1.46 -8.35 4.72
CA LYS A 15 -2.64 -9.20 5.08
C LYS A 15 -2.24 -10.69 5.05
N LYS A 16 -3.20 -11.56 4.94
CA LYS A 16 -2.87 -13.02 4.92
C LYS A 16 -1.66 -13.27 4.01
N PHE A 17 -1.09 -14.44 4.09
CA PHE A 17 0.10 -14.74 3.24
C PHE A 17 -0.16 -15.99 2.38
N LYS A 1 3.45 15.03 -7.60
CA LYS A 1 2.90 13.65 -7.46
C LYS A 1 2.13 13.53 -6.15
N TRP A 2 1.35 12.49 -6.00
CA TRP A 2 0.57 12.32 -4.74
C TRP A 2 -0.11 10.95 -4.71
N LYS A 3 0.55 9.94 -5.22
CA LYS A 3 -0.06 8.58 -5.23
C LYS A 3 0.69 7.66 -4.26
N LEU A 4 0.89 8.12 -3.06
CA LEU A 4 1.60 7.28 -2.05
C LEU A 4 0.61 6.35 -1.34
N PHE A 5 -0.65 6.51 -1.59
CA PHE A 5 -1.66 5.63 -0.95
C PHE A 5 -1.53 4.21 -1.49
N LYS A 6 -0.74 4.03 -2.51
CA LYS A 6 -0.56 2.66 -3.07
C LYS A 6 0.49 1.92 -2.25
N LYS A 7 1.38 2.65 -1.65
CA LYS A 7 2.41 2.01 -0.80
C LYS A 7 1.77 1.51 0.48
N ILE A 8 0.64 2.07 0.81
CA ILE A 8 -0.07 1.62 2.04
C ILE A 8 -0.79 0.31 1.75
N LYS A 9 -0.94 -0.01 0.50
CA LYS A 9 -1.61 -1.29 0.13
C LYS A 9 -0.61 -2.42 0.21
N PHE A 10 0.66 -2.10 0.13
CA PHE A 10 1.70 -3.16 0.22
C PHE A 10 1.91 -3.52 1.69
N LEU A 11 1.62 -2.60 2.56
CA LEU A 11 1.77 -2.88 4.02
C LEU A 11 0.59 -3.69 4.51
N HIS A 12 -0.48 -3.66 3.77
CA HIS A 12 -1.68 -4.43 4.16
C HIS A 12 -1.52 -5.87 3.69
N SER A 13 -0.82 -6.04 2.61
CA SER A 13 -0.58 -7.40 2.07
C SER A 13 0.40 -8.14 2.98
N ALA A 14 1.18 -7.41 3.73
CA ALA A 14 2.16 -8.05 4.64
C ALA A 14 1.46 -8.43 5.95
N LYS A 15 0.31 -7.86 6.18
CA LYS A 15 -0.44 -8.16 7.43
C LYS A 15 -1.17 -9.50 7.29
N LYS A 16 -2.36 -9.51 6.78
CA LYS A 16 -3.09 -10.79 6.61
C LYS A 16 -2.69 -11.46 5.29
N PHE A 17 -2.53 -12.76 5.29
CA PHE A 17 -2.13 -13.45 4.03
C PHE A 17 -2.57 -14.91 4.07
N LYS A 1 4.33 -9.65 8.97
CA LYS A 1 3.70 -10.83 8.31
C LYS A 1 3.05 -10.39 6.99
N TRP A 2 1.93 -10.98 6.63
CA TRP A 2 1.26 -10.59 5.36
C TRP A 2 -0.11 -9.98 5.66
N LYS A 3 -0.27 -8.72 5.41
CA LYS A 3 -1.58 -8.06 5.68
C LYS A 3 -2.07 -7.34 4.41
N LEU A 4 -3.35 -7.38 4.16
CA LEU A 4 -3.87 -6.69 2.94
C LEU A 4 -3.91 -5.18 3.17
N PHE A 5 -3.74 -4.75 4.39
CA PHE A 5 -3.73 -3.30 4.65
C PHE A 5 -2.38 -2.71 4.24
N LYS A 6 -1.47 -3.57 3.85
CA LYS A 6 -0.14 -3.07 3.40
C LYS A 6 -0.21 -2.71 1.93
N LYS A 7 -1.09 -3.36 1.22
CA LYS A 7 -1.24 -3.06 -0.22
C LYS A 7 -1.94 -1.72 -0.38
N ILE A 8 -2.62 -1.29 0.64
CA ILE A 8 -3.31 0.03 0.57
C ILE A 8 -2.26 1.13 0.73
N LYS A 9 -1.13 0.79 1.27
CA LYS A 9 -0.07 1.80 1.45
C LYS A 9 0.58 2.10 0.10
N PHE A 10 0.62 1.13 -0.76
CA PHE A 10 1.21 1.36 -2.10
C PHE A 10 0.30 2.28 -2.89
N LEU A 11 -0.97 2.26 -2.59
CA LEU A 11 -1.92 3.16 -3.28
C LEU A 11 -1.70 4.59 -2.82
N HIS A 12 -1.51 4.75 -1.55
CA HIS A 12 -1.25 6.10 -0.99
C HIS A 12 0.11 6.55 -1.47
N SER A 13 1.01 5.62 -1.57
CA SER A 13 2.38 5.95 -2.05
C SER A 13 2.30 6.32 -3.52
N ALA A 14 1.27 5.89 -4.18
CA ALA A 14 1.10 6.22 -5.62
C ALA A 14 0.54 7.63 -5.77
N LYS A 15 0.01 8.16 -4.70
CA LYS A 15 -0.55 9.54 -4.76
C LYS A 15 0.58 10.56 -4.62
N LYS A 16 1.66 10.15 -4.02
CA LYS A 16 2.81 11.08 -3.84
C LYS A 16 3.71 11.06 -5.08
N PHE A 17 3.53 11.96 -5.99
CA PHE A 17 4.37 11.97 -7.21
C PHE A 17 5.78 12.50 -6.88
N LYS A 1 2.39 -13.63 6.39
CA LYS A 1 1.69 -13.27 5.11
C LYS A 1 1.16 -11.84 5.15
N TRP A 2 1.00 -11.29 6.34
CA TRP A 2 0.48 -9.90 6.46
C TRP A 2 -0.97 -9.85 5.99
N LYS A 3 -1.66 -8.77 6.31
CA LYS A 3 -3.08 -8.66 5.88
C LYS A 3 -3.20 -7.74 4.68
N LEU A 4 -4.40 -7.32 4.35
CA LEU A 4 -4.57 -6.44 3.16
C LEU A 4 -4.35 -4.97 3.53
N PHE A 5 -4.28 -4.68 4.80
CA PHE A 5 -4.05 -3.26 5.22
C PHE A 5 -2.66 -2.81 4.78
N LYS A 6 -1.85 -3.73 4.33
CA LYS A 6 -0.49 -3.36 3.87
C LYS A 6 -0.57 -2.88 2.43
N LYS A 7 -1.60 -3.28 1.75
CA LYS A 7 -1.78 -2.82 0.35
C LYS A 7 -2.17 -1.36 0.38
N ILE A 8 -2.68 -0.92 1.49
CA ILE A 8 -3.08 0.51 1.62
C ILE A 8 -1.82 1.36 1.68
N LYS A 9 -0.69 0.76 1.94
CA LYS A 9 0.58 1.54 1.99
C LYS A 9 1.04 1.81 0.57
N PHE A 10 0.66 0.96 -0.35
CA PHE A 10 1.06 1.20 -1.76
C PHE A 10 0.24 2.36 -2.30
N LEU A 11 -0.87 2.63 -1.67
CA LEU A 11 -1.72 3.76 -2.10
C LEU A 11 -0.98 5.06 -1.82
N HIS A 12 -0.08 5.03 -0.89
CA HIS A 12 0.69 6.26 -0.57
C HIS A 12 1.84 6.41 -1.57
N SER A 13 2.33 5.31 -2.04
CA SER A 13 3.43 5.36 -3.05
C SER A 13 2.81 5.65 -4.41
N ALA A 14 1.55 5.39 -4.55
CA ALA A 14 0.85 5.66 -5.84
C ALA A 14 0.37 7.10 -5.89
N LYS A 15 0.33 7.76 -4.77
CA LYS A 15 -0.14 9.17 -4.75
C LYS A 15 0.43 9.94 -5.94
N LYS A 16 -0.17 11.05 -6.30
CA LYS A 16 0.34 11.84 -7.46
C LYS A 16 1.86 12.06 -7.33
N PHE A 17 2.55 12.17 -8.43
CA PHE A 17 4.02 12.39 -8.36
C PHE A 17 4.40 13.76 -8.93
N LYS A 1 -0.04 16.68 -6.60
CA LYS A 1 -0.54 15.39 -7.16
C LYS A 1 0.40 14.24 -6.81
N TRP A 2 0.11 13.53 -5.74
CA TRP A 2 0.98 12.39 -5.34
C TRP A 2 0.18 11.40 -4.48
N LYS A 3 -0.32 10.35 -5.09
CA LYS A 3 -1.10 9.36 -4.30
C LYS A 3 -0.33 8.05 -4.17
N LEU A 4 0.80 8.09 -3.52
CA LEU A 4 1.60 6.85 -3.35
C LEU A 4 1.09 6.04 -2.15
N PHE A 5 -0.02 6.45 -1.59
CA PHE A 5 -0.57 5.70 -0.43
C PHE A 5 -1.16 4.38 -0.88
N LYS A 6 -1.32 4.22 -2.16
CA LYS A 6 -1.88 2.94 -2.69
C LYS A 6 -0.75 1.91 -2.77
N LYS A 7 0.46 2.38 -2.83
CA LYS A 7 1.61 1.44 -2.88
C LYS A 7 1.78 0.79 -1.51
N ILE A 8 1.43 1.50 -0.49
CA ILE A 8 1.54 0.91 0.88
C ILE A 8 0.45 -0.12 1.07
N LYS A 9 -0.51 -0.14 0.18
CA LYS A 9 -1.61 -1.13 0.29
C LYS A 9 -1.14 -2.46 -0.30
N PHE A 10 -0.20 -2.40 -1.19
CA PHE A 10 0.32 -3.65 -1.80
C PHE A 10 1.23 -4.35 -0.80
N LEU A 11 1.73 -3.61 0.15
CA LEU A 11 2.61 -4.22 1.18
C LEU A 11 1.75 -4.92 2.21
N HIS A 12 0.51 -4.55 2.28
CA HIS A 12 -0.41 -5.20 3.24
C HIS A 12 -0.82 -6.55 2.68
N SER A 13 -0.88 -6.62 1.39
CA SER A 13 -1.26 -7.91 0.73
C SER A 13 -0.21 -8.97 1.05
N ALA A 14 1.02 -8.57 1.13
CA ALA A 14 2.10 -9.54 1.45
C ALA A 14 2.21 -9.70 2.97
N LYS A 15 1.55 -8.85 3.69
CA LYS A 15 1.60 -8.93 5.19
C LYS A 15 0.55 -9.90 5.70
N LYS A 16 -0.66 -9.45 5.84
CA LYS A 16 -1.76 -10.34 6.34
C LYS A 16 -1.72 -11.69 5.64
N PHE A 17 -2.52 -12.63 6.10
CA PHE A 17 -2.55 -13.98 5.46
C PHE A 17 -3.90 -14.21 4.77
N LYS A 1 3.88 15.82 -6.45
CA LYS A 1 4.74 14.63 -6.19
C LYS A 1 3.92 13.54 -5.48
N TRP A 2 2.69 13.81 -5.18
CA TRP A 2 1.84 12.79 -4.47
C TRP A 2 1.60 11.59 -5.40
N LYS A 3 1.34 10.44 -4.84
CA LYS A 3 1.10 9.24 -5.69
C LYS A 3 0.29 8.19 -4.92
N LEU A 4 -0.12 7.14 -5.59
CA LEU A 4 -0.92 6.08 -4.91
C LEU A 4 -0.02 5.06 -4.21
N PHE A 5 1.26 5.29 -4.17
CA PHE A 5 2.18 4.32 -3.51
C PHE A 5 1.86 4.26 -2.01
N LYS A 6 1.05 5.16 -1.53
CA LYS A 6 0.68 5.14 -0.09
C LYS A 6 -0.44 4.12 0.11
N LYS A 7 -1.16 3.85 -0.93
CA LYS A 7 -2.27 2.85 -0.84
C LYS A 7 -1.66 1.45 -0.76
N ILE A 8 -0.43 1.33 -1.15
CA ILE A 8 0.24 0.00 -1.08
C ILE A 8 0.67 -0.26 0.35
N LYS A 9 0.75 0.77 1.14
CA LYS A 9 1.14 0.60 2.56
C LYS A 9 -0.03 -0.02 3.32
N PHE A 10 -1.22 0.24 2.86
CA PHE A 10 -2.40 -0.35 3.52
C PHE A 10 -2.40 -1.85 3.30
N LEU A 11 -1.64 -2.31 2.34
CA LEU A 11 -1.57 -3.77 2.07
C LEU A 11 -0.73 -4.44 3.14
N HIS A 12 0.12 -3.70 3.78
CA HIS A 12 0.96 -4.28 4.85
C HIS A 12 0.13 -4.43 6.11
N SER A 13 -0.82 -3.57 6.29
CA SER A 13 -1.70 -3.66 7.48
C SER A 13 -2.57 -4.90 7.37
N ALA A 14 -2.78 -5.37 6.16
CA ALA A 14 -3.61 -6.58 5.95
C ALA A 14 -2.75 -7.83 6.11
N LYS A 15 -1.46 -7.67 6.25
CA LYS A 15 -0.56 -8.85 6.40
C LYS A 15 -1.14 -9.84 7.40
N LYS A 16 -0.74 -11.08 7.32
CA LYS A 16 -1.28 -12.11 8.27
C LYS A 16 -0.64 -11.94 9.65
N PHE A 17 -1.32 -12.38 10.68
CA PHE A 17 -0.76 -12.26 12.05
C PHE A 17 0.18 -13.43 12.35
N LYS A 1 -0.90 12.50 -9.31
CA LYS A 1 0.47 12.91 -9.77
C LYS A 1 1.53 12.00 -9.13
N TRP A 2 1.14 10.85 -8.66
CA TRP A 2 2.13 9.93 -8.03
C TRP A 2 2.19 8.61 -8.82
N LYS A 3 2.37 7.50 -8.15
CA LYS A 3 2.43 6.20 -8.87
C LYS A 3 1.62 5.13 -8.13
N LEU A 4 1.76 3.89 -8.52
CA LEU A 4 1.00 2.80 -7.84
C LEU A 4 1.65 2.39 -6.52
N PHE A 5 2.72 3.05 -6.15
CA PHE A 5 3.38 2.70 -4.85
C PHE A 5 2.47 3.03 -3.69
N LYS A 6 1.44 3.79 -3.94
CA LYS A 6 0.49 4.13 -2.84
C LYS A 6 -0.46 2.96 -2.64
N LYS A 7 -0.63 2.16 -3.64
CA LYS A 7 -1.52 0.98 -3.50
C LYS A 7 -0.80 -0.10 -2.70
N ILE A 8 0.50 0.01 -2.60
CA ILE A 8 1.26 -0.99 -1.83
C ILE A 8 1.10 -0.72 -0.34
N LYS A 9 0.82 0.51 0.02
CA LYS A 9 0.62 0.84 1.45
C LYS A 9 -0.76 0.34 1.87
N PHE A 10 -1.64 0.20 0.92
CA PHE A 10 -2.99 -0.32 1.25
C PHE A 10 -2.92 -1.83 1.41
N LEU A 11 -1.83 -2.41 1.02
CA LEU A 11 -1.67 -3.87 1.16
C LEU A 11 -1.12 -4.17 2.56
N HIS A 12 -0.65 -3.15 3.23
CA HIS A 12 -0.12 -3.36 4.60
C HIS A 12 -1.28 -3.31 5.58
N SER A 13 -2.27 -2.54 5.27
CA SER A 13 -3.47 -2.46 6.16
C SER A 13 -4.24 -3.77 6.04
N ALA A 14 -4.25 -4.33 4.88
CA ALA A 14 -4.95 -5.63 4.67
C ALA A 14 -4.00 -6.79 4.99
N LYS A 15 -2.82 -6.49 5.48
CA LYS A 15 -1.85 -7.57 5.80
C LYS A 15 -2.56 -8.75 6.46
N LYS A 16 -1.94 -9.90 6.48
CA LYS A 16 -2.58 -11.10 7.09
C LYS A 16 -2.40 -11.08 8.61
N PHE A 17 -2.68 -12.17 9.26
CA PHE A 17 -2.53 -12.22 10.75
C PHE A 17 -1.06 -12.14 11.14
N LYS A 1 2.30 -10.94 1.19
CA LYS A 1 1.71 -12.20 1.72
C LYS A 1 0.29 -12.37 1.19
N TRP A 2 -0.49 -13.20 1.82
CA TRP A 2 -1.89 -13.41 1.36
C TRP A 2 -2.54 -12.07 0.99
N LYS A 3 -2.12 -11.00 1.60
CA LYS A 3 -2.72 -9.66 1.29
C LYS A 3 -1.63 -8.60 1.26
N LEU A 4 -0.76 -8.63 0.28
CA LEU A 4 0.31 -7.61 0.20
C LEU A 4 -0.24 -6.27 -0.29
N PHE A 5 -1.52 -6.22 -0.57
CA PHE A 5 -2.10 -4.94 -1.05
C PHE A 5 -1.95 -3.88 0.04
N LYS A 6 -1.62 -4.29 1.22
CA LYS A 6 -1.43 -3.30 2.33
C LYS A 6 -0.16 -2.51 2.09
N LYS A 7 0.92 -3.20 1.92
CA LYS A 7 2.21 -2.48 1.65
C LYS A 7 2.14 -1.86 0.25
N ILE A 8 1.20 -2.30 -0.53
CA ILE A 8 1.04 -1.72 -1.89
C ILE A 8 0.20 -0.46 -1.78
N LYS A 9 -0.62 -0.39 -0.77
CA LYS A 9 -1.44 0.82 -0.58
C LYS A 9 -0.52 1.97 -0.18
N PHE A 10 0.61 1.63 0.38
CA PHE A 10 1.58 2.68 0.76
C PHE A 10 2.40 3.07 -0.46
N LEU A 11 2.53 2.15 -1.38
CA LEU A 11 3.27 2.45 -2.62
C LEU A 11 2.30 3.11 -3.60
N HIS A 12 1.03 2.94 -3.36
CA HIS A 12 0.01 3.55 -4.23
C HIS A 12 -0.16 5.01 -3.84
N SER A 13 -0.06 5.28 -2.58
CA SER A 13 -0.18 6.69 -2.11
C SER A 13 1.07 7.45 -2.53
N ALA A 14 2.16 6.76 -2.62
CA ALA A 14 3.44 7.41 -3.04
C ALA A 14 3.54 7.43 -4.56
N LYS A 15 2.65 6.76 -5.23
CA LYS A 15 2.68 6.73 -6.73
C LYS A 15 2.53 8.15 -7.29
N LYS A 16 2.69 8.31 -8.57
CA LYS A 16 2.55 9.66 -9.19
C LYS A 16 1.11 10.17 -9.03
N PHE A 17 0.87 11.02 -8.07
CA PHE A 17 -0.50 11.56 -7.88
C PHE A 17 -0.45 12.81 -7.00
N LYS A 1 -3.05 -10.94 6.98
CA LYS A 1 -1.88 -10.05 6.76
C LYS A 1 -0.98 -10.63 5.66
N TRP A 2 -1.52 -11.46 4.81
CA TRP A 2 -0.69 -12.05 3.72
C TRP A 2 -1.12 -11.46 2.37
N LYS A 3 -2.35 -11.09 2.24
CA LYS A 3 -2.82 -10.51 0.94
C LYS A 3 -1.81 -9.46 0.45
N LEU A 4 -0.98 -9.82 -0.49
CA LEU A 4 0.02 -8.85 -1.00
C LEU A 4 -0.67 -7.79 -1.87
N PHE A 5 -1.94 -7.95 -2.11
CA PHE A 5 -2.67 -6.94 -2.92
C PHE A 5 -2.71 -5.61 -2.17
N LYS A 6 -2.42 -5.66 -0.90
CA LYS A 6 -2.42 -4.40 -0.10
C LYS A 6 -1.15 -3.62 -0.38
N LYS A 7 -0.16 -4.28 -0.89
CA LYS A 7 1.12 -3.59 -1.22
C LYS A 7 0.97 -2.89 -2.56
N ILE A 8 0.00 -3.30 -3.33
CA ILE A 8 -0.24 -2.67 -4.66
C ILE A 8 -1.10 -1.43 -4.48
N LYS A 9 -1.84 -1.40 -3.41
CA LYS A 9 -2.71 -0.22 -3.14
C LYS A 9 -1.90 0.83 -2.39
N PHE A 10 -0.86 0.40 -1.74
CA PHE A 10 0.01 1.35 -1.01
C PHE A 10 1.11 1.83 -1.96
N LEU A 11 1.31 1.10 -3.03
CA LEU A 11 2.33 1.51 -4.02
C LEU A 11 1.66 2.40 -5.07
N HIS A 12 0.36 2.35 -5.12
CA HIS A 12 -0.37 3.21 -6.08
C HIS A 12 -0.61 4.57 -5.45
N SER A 13 -0.75 4.59 -4.16
CA SER A 13 -0.96 5.89 -3.46
C SER A 13 0.39 6.60 -3.33
N ALA A 14 1.45 5.86 -3.39
CA ALA A 14 2.80 6.46 -3.29
C ALA A 14 3.27 6.93 -4.67
N LYS A 15 2.63 6.47 -5.70
CA LYS A 15 3.02 6.89 -7.08
C LYS A 15 2.63 8.36 -7.31
N LYS A 16 3.22 8.98 -8.28
CA LYS A 16 2.89 10.41 -8.57
C LYS A 16 1.50 10.52 -9.19
N PHE A 17 0.49 10.05 -8.50
CA PHE A 17 -0.89 10.13 -9.06
C PHE A 17 -1.83 10.79 -8.05
N LYS A 1 -1.36 -15.02 7.42
CA LYS A 1 -2.34 -13.91 7.28
C LYS A 1 -2.02 -13.06 6.05
N TRP A 2 -2.38 -13.52 4.88
CA TRP A 2 -2.09 -12.73 3.64
C TRP A 2 -2.73 -11.35 3.74
N LYS A 3 -1.93 -10.33 3.99
CA LYS A 3 -2.49 -8.96 4.10
C LYS A 3 -1.43 -7.92 3.76
N LEU A 4 -0.80 -8.06 2.64
CA LEU A 4 0.26 -7.09 2.23
C LEU A 4 -0.37 -5.88 1.55
N PHE A 5 -1.67 -5.81 1.52
CA PHE A 5 -2.35 -4.65 0.87
C PHE A 5 -1.86 -3.35 1.52
N LYS A 6 -1.27 -3.46 2.67
CA LYS A 6 -0.76 -2.25 3.37
C LYS A 6 0.46 -1.71 2.64
N LYS A 7 1.30 -2.59 2.19
CA LYS A 7 2.51 -2.14 1.46
C LYS A 7 2.10 -1.62 0.08
N ILE A 8 0.89 -1.90 -0.31
CA ILE A 8 0.41 -1.41 -1.63
C ILE A 8 -0.10 0.02 -1.46
N LYS A 9 -0.45 0.37 -0.26
CA LYS A 9 -0.94 1.76 0.01
C LYS A 9 0.26 2.69 0.08
N PHE A 10 1.42 2.13 0.29
CA PHE A 10 2.65 2.97 0.35
C PHE A 10 3.15 3.20 -1.08
N LEU A 11 2.67 2.41 -2.00
CA LEU A 11 3.07 2.58 -3.42
C LEU A 11 2.25 3.68 -4.04
N HIS A 12 1.02 3.77 -3.64
CA HIS A 12 0.14 4.83 -4.19
C HIS A 12 0.63 6.17 -3.66
N SER A 13 1.17 6.18 -2.49
CA SER A 13 1.70 7.44 -1.91
C SER A 13 2.91 7.90 -2.72
N ALA A 14 3.48 7.00 -3.47
CA ALA A 14 4.66 7.35 -4.31
C ALA A 14 4.20 7.99 -5.61
N LYS A 15 2.99 7.73 -6.01
CA LYS A 15 2.46 8.31 -7.27
C LYS A 15 1.89 9.70 -7.01
N LYS A 16 1.67 10.46 -8.05
CA LYS A 16 1.10 11.83 -7.85
C LYS A 16 -0.33 11.74 -7.31
N PHE A 17 -0.46 11.50 -6.03
CA PHE A 17 -1.83 11.40 -5.44
C PHE A 17 -2.70 12.55 -5.92
N LYS A 1 5.52 7.59 -8.43
CA LYS A 1 5.01 6.74 -7.31
C LYS A 1 4.72 7.60 -6.08
N TRP A 2 4.07 8.72 -6.27
CA TRP A 2 3.75 9.59 -5.10
C TRP A 2 2.25 9.55 -4.80
N LYS A 3 1.46 9.14 -5.76
CA LYS A 3 -0.02 9.08 -5.52
C LYS A 3 -0.33 8.33 -4.22
N LEU A 4 -1.56 8.29 -3.84
CA LEU A 4 -1.93 7.58 -2.57
C LEU A 4 -2.07 6.08 -2.83
N PHE A 5 -1.84 5.65 -4.04
CA PHE A 5 -1.95 4.19 -4.33
C PHE A 5 -0.97 3.43 -3.46
N LYS A 6 -0.02 4.11 -2.89
CA LYS A 6 0.96 3.44 -2.00
C LYS A 6 0.27 3.09 -0.69
N LYS A 7 -0.79 3.78 -0.38
CA LYS A 7 -1.53 3.50 0.88
C LYS A 7 -2.26 2.17 0.76
N ILE A 8 -2.65 1.81 -0.43
CA ILE A 8 -3.35 0.51 -0.63
C ILE A 8 -2.35 -0.62 -0.50
N LYS A 9 -1.13 -0.35 -0.87
CA LYS A 9 -0.08 -1.38 -0.77
C LYS A 9 0.27 -1.61 0.70
N PHE A 10 0.00 -0.65 1.51
CA PHE A 10 0.29 -0.81 2.97
C PHE A 10 -0.75 -1.71 3.60
N LEU A 11 -1.94 -1.67 3.08
CA LEU A 11 -3.02 -2.54 3.61
C LEU A 11 -2.90 -3.91 2.99
N HIS A 12 -2.19 -4.00 1.91
CA HIS A 12 -2.00 -5.31 1.23
C HIS A 12 -0.77 -5.97 1.82
N SER A 13 0.16 -5.17 2.25
CA SER A 13 1.39 -5.72 2.88
C SER A 13 1.06 -6.19 4.29
N ALA A 14 -0.03 -5.70 4.83
CA ALA A 14 -0.43 -6.12 6.20
C ALA A 14 -1.25 -7.42 6.13
N LYS A 15 -1.73 -7.75 4.97
CA LYS A 15 -2.52 -8.99 4.81
C LYS A 15 -1.61 -10.22 4.89
N LYS A 16 -0.82 -10.40 3.89
CA LYS A 16 0.12 -11.56 3.86
C LYS A 16 1.41 -11.22 4.62
N PHE A 17 1.59 -11.76 5.78
CA PHE A 17 2.82 -11.46 6.57
C PHE A 17 3.98 -12.35 6.10
N LYS A 1 -5.84 -10.11 2.00
CA LYS A 1 -5.32 -11.48 2.26
C LYS A 1 -4.74 -11.57 3.67
N TRP A 2 -3.53 -11.12 3.86
CA TRP A 2 -2.91 -11.17 5.22
C TRP A 2 -2.76 -9.75 5.77
N LYS A 3 -1.89 -9.56 6.72
CA LYS A 3 -1.71 -8.21 7.30
C LYS A 3 -0.79 -7.35 6.42
N LEU A 4 -1.10 -7.29 5.16
CA LEU A 4 -0.27 -6.48 4.22
C LEU A 4 -0.73 -5.02 4.24
N PHE A 5 -1.49 -4.64 5.22
CA PHE A 5 -1.97 -3.23 5.30
C PHE A 5 -0.80 -2.27 5.11
N LYS A 6 0.38 -2.74 5.39
CA LYS A 6 1.58 -1.87 5.23
C LYS A 6 1.97 -1.81 3.75
N LYS A 7 1.48 -2.74 2.99
CA LYS A 7 1.79 -2.74 1.54
C LYS A 7 0.83 -1.81 0.83
N ILE A 8 -0.32 -1.60 1.40
CA ILE A 8 -1.29 -0.66 0.79
C ILE A 8 -0.86 0.77 1.13
N LYS A 9 -0.01 0.91 2.10
CA LYS A 9 0.48 2.26 2.47
C LYS A 9 1.49 2.73 1.42
N PHE A 10 2.17 1.80 0.82
CA PHE A 10 3.15 2.18 -0.24
C PHE A 10 2.39 2.61 -1.49
N LEU A 11 1.13 2.29 -1.56
CA LEU A 11 0.31 2.69 -2.73
C LEU A 11 -0.14 4.13 -2.56
N HIS A 12 -0.13 4.62 -1.36
CA HIS A 12 -0.53 6.03 -1.12
C HIS A 12 0.64 6.94 -1.38
N SER A 13 1.82 6.46 -1.11
CA SER A 13 3.03 7.27 -1.35
C SER A 13 3.37 7.19 -2.84
N ALA A 14 2.83 6.20 -3.50
CA ALA A 14 3.10 6.05 -4.96
C ALA A 14 2.14 6.92 -5.76
N LYS A 15 1.05 7.30 -5.16
CA LYS A 15 0.07 8.15 -5.88
C LYS A 15 0.79 9.31 -6.58
N LYS A 16 0.20 9.87 -7.60
CA LYS A 16 0.86 11.00 -8.31
C LYS A 16 0.94 12.23 -7.39
N PHE A 17 2.06 12.90 -7.37
CA PHE A 17 2.19 14.10 -6.50
C PHE A 17 2.88 15.23 -7.26
N LYS A 1 5.89 -10.93 5.43
CA LYS A 1 4.71 -10.46 6.20
C LYS A 1 3.48 -11.31 5.83
N TRP A 2 2.33 -10.95 6.34
CA TRP A 2 1.10 -11.74 6.02
C TRP A 2 0.02 -10.81 5.45
N LYS A 3 -0.48 -9.91 6.24
CA LYS A 3 -1.53 -8.98 5.74
C LYS A 3 -0.93 -7.98 4.76
N LEU A 4 -1.35 -8.02 3.52
CA LEU A 4 -0.79 -7.07 2.51
C LEU A 4 -1.43 -5.69 2.68
N PHE A 5 -2.27 -5.53 3.67
CA PHE A 5 -2.91 -4.20 3.88
C PHE A 5 -1.82 -3.14 4.06
N LYS A 6 -0.63 -3.55 4.35
CA LYS A 6 0.48 -2.57 4.51
C LYS A 6 0.92 -2.10 3.13
N LYS A 7 0.61 -2.86 2.12
CA LYS A 7 0.99 -2.47 0.74
C LYS A 7 0.02 -1.40 0.24
N ILE A 8 -1.13 -1.34 0.84
CA ILE A 8 -2.14 -0.31 0.42
C ILE A 8 -1.76 1.02 1.07
N LYS A 9 -0.98 0.96 2.11
CA LYS A 9 -0.55 2.21 2.78
C LYS A 9 0.59 2.82 1.99
N PHE A 10 1.23 2.03 1.18
CA PHE A 10 2.35 2.56 0.35
C PHE A 10 1.75 3.31 -0.84
N LEU A 11 0.53 3.02 -1.16
CA LEU A 11 -0.13 3.72 -2.30
C LEU A 11 -0.65 5.07 -1.81
N HIS A 12 -0.73 5.24 -0.52
CA HIS A 12 -1.21 6.53 0.04
C HIS A 12 -0.04 7.50 0.12
N SER A 13 1.13 6.99 0.37
CA SER A 13 2.33 7.85 0.43
C SER A 13 2.72 8.27 -0.98
N ALA A 14 2.31 7.49 -1.95
CA ALA A 14 2.63 7.83 -3.36
C ALA A 14 1.57 8.78 -3.92
N LYS A 15 0.50 8.96 -3.21
CA LYS A 15 -0.57 9.87 -3.70
C LYS A 15 -0.04 11.31 -3.78
N LYS A 16 1.10 11.54 -3.20
CA LYS A 16 1.68 12.92 -3.24
C LYS A 16 2.49 13.12 -4.53
N PHE A 17 1.89 13.68 -5.54
CA PHE A 17 2.63 13.89 -6.81
C PHE A 17 3.18 15.33 -6.87
N LYS A 1 4.22 9.23 -3.75
CA LYS A 1 3.66 10.49 -3.17
C LYS A 1 2.64 11.11 -4.14
N TRP A 2 2.74 10.80 -5.40
CA TRP A 2 1.77 11.36 -6.38
C TRP A 2 0.42 10.64 -6.26
N LYS A 3 0.44 9.34 -6.24
CA LYS A 3 -0.83 8.57 -6.12
C LYS A 3 -0.98 8.00 -4.71
N LEU A 4 -2.17 7.98 -4.18
CA LEU A 4 -2.38 7.45 -2.81
C LEU A 4 -2.50 5.92 -2.87
N PHE A 5 -2.59 5.38 -4.05
CA PHE A 5 -2.68 3.90 -4.15
C PHE A 5 -1.36 3.28 -3.75
N LYS A 6 -0.33 4.08 -3.63
CA LYS A 6 0.99 3.54 -3.22
C LYS A 6 0.93 3.19 -1.74
N LYS A 7 0.16 3.93 -1.01
CA LYS A 7 0.02 3.64 0.44
C LYS A 7 -0.94 2.47 0.62
N ILE A 8 -1.75 2.22 -0.37
CA ILE A 8 -2.68 1.07 -0.30
C ILE A 8 -1.92 -0.19 -0.73
N LYS A 9 -0.82 0.00 -1.39
CA LYS A 9 0.00 -1.15 -1.83
C LYS A 9 0.78 -1.68 -0.63
N PHE A 10 1.22 -0.79 0.21
CA PHE A 10 1.96 -1.23 1.43
C PHE A 10 0.96 -1.82 2.42
N LEU A 11 -0.30 -1.58 2.20
CA LEU A 11 -1.34 -2.15 3.08
C LEU A 11 -1.65 -3.57 2.64
N HIS A 12 -1.50 -3.80 1.38
CA HIS A 12 -1.75 -5.16 0.82
C HIS A 12 -0.63 -6.07 1.27
N SER A 13 0.54 -5.53 1.39
CA SER A 13 1.71 -6.33 1.83
C SER A 13 1.50 -6.75 3.29
N ALA A 14 0.79 -5.96 4.03
CA ALA A 14 0.52 -6.30 5.46
C ALA A 14 -0.70 -7.22 5.55
N LYS A 15 -1.38 -7.41 4.45
CA LYS A 15 -2.59 -8.29 4.47
C LYS A 15 -2.27 -9.61 5.17
N LYS A 16 -1.37 -10.36 4.62
CA LYS A 16 -1.01 -11.67 5.25
C LYS A 16 -0.78 -11.49 6.75
N PHE A 17 -0.56 -12.56 7.46
CA PHE A 17 -0.34 -12.44 8.93
C PHE A 17 1.03 -13.02 9.32
N LYS A 1 0.49 12.57 -7.66
CA LYS A 1 1.98 12.69 -7.67
C LYS A 1 2.59 11.79 -6.58
N TRP A 2 2.86 10.54 -6.91
CA TRP A 2 3.46 9.62 -5.90
C TRP A 2 2.59 9.59 -4.64
N LYS A 3 1.34 9.96 -4.74
CA LYS A 3 0.45 9.94 -3.53
C LYS A 3 -0.37 8.67 -3.49
N LEU A 4 0.23 7.56 -3.81
CA LEU A 4 -0.51 6.27 -3.78
C LEU A 4 -0.43 5.64 -2.38
N PHE A 5 -0.01 6.40 -1.40
CA PHE A 5 0.09 5.83 -0.02
C PHE A 5 -1.17 5.04 0.34
N LYS A 6 -2.26 5.36 -0.29
CA LYS A 6 -3.53 4.62 -0.01
C LYS A 6 -3.44 3.24 -0.64
N LYS A 7 -2.96 3.18 -1.84
CA LYS A 7 -2.83 1.86 -2.52
C LYS A 7 -1.77 1.04 -1.79
N ILE A 8 -0.93 1.69 -1.06
CA ILE A 8 0.11 0.95 -0.30
C ILE A 8 -0.56 0.34 0.92
N LYS A 9 -1.68 0.87 1.32
CA LYS A 9 -2.41 0.31 2.48
C LYS A 9 -2.91 -1.08 2.13
N PHE A 10 -3.36 -1.24 0.93
CA PHE A 10 -3.85 -2.58 0.48
C PHE A 10 -2.68 -3.56 0.53
N LEU A 11 -1.51 -3.06 0.33
CA LEU A 11 -0.30 -3.91 0.40
C LEU A 11 0.10 -4.12 1.85
N HIS A 12 -0.51 -3.38 2.74
CA HIS A 12 -0.20 -3.53 4.18
C HIS A 12 -1.08 -4.63 4.76
N SER A 13 -2.24 -4.79 4.19
CA SER A 13 -3.15 -5.87 4.68
C SER A 13 -2.64 -7.21 4.17
N ALA A 14 -1.93 -7.18 3.07
CA ALA A 14 -1.36 -8.43 2.50
C ALA A 14 -0.01 -8.72 3.14
N LYS A 15 0.60 -7.72 3.71
CA LYS A 15 1.93 -7.91 4.35
C LYS A 15 1.88 -9.06 5.37
N LYS A 16 3.01 -9.48 5.85
CA LYS A 16 3.04 -10.58 6.85
C LYS A 16 2.58 -10.07 8.21
N PHE A 17 2.64 -10.90 9.22
CA PHE A 17 2.21 -10.46 10.58
C PHE A 17 3.25 -9.53 11.19
N LYS A 1 -0.73 11.99 -9.35
CA LYS A 1 0.57 12.70 -9.13
C LYS A 1 1.10 12.40 -7.72
N TRP A 2 0.21 12.18 -6.79
CA TRP A 2 0.65 11.89 -5.39
C TRP A 2 1.30 10.51 -5.33
N LYS A 3 1.64 10.06 -4.16
CA LYS A 3 2.28 8.71 -4.02
C LYS A 3 1.62 7.94 -2.87
N LEU A 4 0.38 7.56 -3.03
CA LEU A 4 -0.33 6.83 -1.95
C LEU A 4 0.02 5.33 -2.00
N PHE A 5 1.00 4.97 -2.78
CA PHE A 5 1.37 3.53 -2.85
C PHE A 5 2.13 3.11 -1.60
N LYS A 6 2.55 4.06 -0.82
CA LYS A 6 3.27 3.73 0.43
C LYS A 6 2.27 3.41 1.53
N LYS A 7 1.18 4.10 1.54
CA LYS A 7 0.13 3.83 2.54
C LYS A 7 -0.62 2.55 2.15
N ILE A 8 -0.45 2.14 0.93
CA ILE A 8 -1.11 0.89 0.47
C ILE A 8 -0.25 -0.30 0.87
N LYS A 9 1.02 -0.07 1.06
CA LYS A 9 1.92 -1.18 1.48
C LYS A 9 1.69 -1.44 2.97
N PHE A 10 1.41 -0.40 3.71
CA PHE A 10 1.15 -0.56 5.16
C PHE A 10 -0.18 -1.29 5.33
N LEU A 11 -1.02 -1.18 4.35
CA LEU A 11 -2.33 -1.88 4.40
C LEU A 11 -2.11 -3.36 4.11
N HIS A 12 -1.02 -3.67 3.48
CA HIS A 12 -0.70 -5.09 3.18
C HIS A 12 -0.17 -5.75 4.44
N SER A 13 0.50 -4.97 5.25
CA SER A 13 1.05 -5.50 6.52
C SER A 13 -0.09 -5.78 7.48
N ALA A 14 -1.14 -5.04 7.37
CA ALA A 14 -2.32 -5.26 8.26
C ALA A 14 -3.22 -6.34 7.67
N LYS A 15 -2.94 -6.75 6.46
CA LYS A 15 -3.76 -7.81 5.80
C LYS A 15 -3.40 -9.18 6.38
N LYS A 16 -3.09 -10.13 5.54
CA LYS A 16 -2.74 -11.49 6.04
C LYS A 16 -1.54 -11.40 7.00
N PHE A 17 -1.24 -12.48 7.67
CA PHE A 17 -0.10 -12.46 8.62
C PHE A 17 1.18 -12.00 7.91
N LYS A 1 2.30 15.32 -1.51
CA LYS A 1 3.03 14.54 -2.55
C LYS A 1 2.15 13.40 -3.08
N TRP A 2 1.10 13.73 -3.79
CA TRP A 2 0.21 12.67 -4.34
C TRP A 2 -0.15 11.66 -3.24
N LYS A 3 -0.78 10.58 -3.60
CA LYS A 3 -1.17 9.56 -2.58
C LYS A 3 -0.55 8.20 -2.92
N LEU A 4 0.74 8.16 -3.12
CA LEU A 4 1.38 6.85 -3.44
C LEU A 4 1.65 6.07 -2.15
N PHE A 5 1.53 6.71 -1.04
CA PHE A 5 1.75 6.00 0.25
C PHE A 5 0.56 5.10 0.53
N LYS A 6 -0.47 5.23 -0.26
CA LYS A 6 -1.67 4.36 -0.08
C LYS A 6 -1.37 3.00 -0.65
N LYS A 7 -0.57 2.97 -1.68
CA LYS A 7 -0.22 1.67 -2.30
C LYS A 7 0.63 0.86 -1.33
N ILE A 8 1.21 1.52 -0.36
CA ILE A 8 2.04 0.79 0.63
C ILE A 8 1.12 0.06 1.60
N LYS A 9 -0.05 0.59 1.79
CA LYS A 9 -1.02 -0.08 2.70
C LYS A 9 -1.57 -1.31 2.02
N PHE A 10 -1.44 -1.37 0.72
CA PHE A 10 -1.94 -2.55 -0.03
C PHE A 10 -0.98 -3.70 0.15
N LEU A 11 0.27 -3.40 0.30
CA LEU A 11 1.28 -4.47 0.51
C LEU A 11 1.10 -5.04 1.91
N HIS A 12 0.46 -4.30 2.77
CA HIS A 12 0.22 -4.79 4.14
C HIS A 12 -0.88 -5.82 4.11
N SER A 13 -1.86 -5.61 3.28
CA SER A 13 -2.95 -6.59 3.17
C SER A 13 -2.38 -7.90 2.61
N ALA A 14 -1.23 -7.82 2.02
CA ALA A 14 -0.60 -9.04 1.46
C ALA A 14 -0.04 -9.89 2.60
N LYS A 15 0.24 -9.30 3.71
CA LYS A 15 0.78 -10.09 4.86
C LYS A 15 -0.25 -11.15 5.27
N LYS A 16 0.20 -12.25 5.80
CA LYS A 16 -0.77 -13.32 6.21
C LYS A 16 -1.91 -12.71 7.02
N PHE A 17 -3.09 -13.28 6.93
CA PHE A 17 -4.24 -12.74 7.68
C PHE A 17 -4.30 -13.35 9.09
N LYS A 1 1.14 -9.87 8.48
CA LYS A 1 -0.32 -9.58 8.56
C LYS A 1 -1.11 -10.61 7.74
N TRP A 2 -2.39 -10.41 7.58
CA TRP A 2 -3.20 -11.38 6.79
C TRP A 2 -2.70 -11.45 5.34
N LYS A 3 -2.00 -10.44 4.89
CA LYS A 3 -1.49 -10.45 3.50
C LYS A 3 -0.41 -9.38 3.33
N LEU A 4 -0.12 -9.04 2.10
CA LEU A 4 0.91 -7.98 1.85
C LEU A 4 0.28 -6.60 1.91
N PHE A 5 -0.86 -6.49 2.54
CA PHE A 5 -1.53 -5.15 2.64
C PHE A 5 -0.51 -4.09 3.03
N LYS A 6 0.55 -4.47 3.66
CA LYS A 6 1.59 -3.49 4.07
C LYS A 6 2.31 -2.99 2.82
N LYS A 7 2.66 -3.88 1.95
CA LYS A 7 3.34 -3.47 0.70
C LYS A 7 2.36 -2.67 -0.15
N ILE A 8 1.10 -2.88 0.08
CA ILE A 8 0.07 -2.13 -0.67
C ILE A 8 0.09 -0.69 -0.20
N LYS A 9 0.51 -0.49 1.01
CA LYS A 9 0.60 0.89 1.55
C LYS A 9 1.72 1.63 0.83
N PHE A 10 2.57 0.90 0.17
CA PHE A 10 3.69 1.54 -0.57
C PHE A 10 3.17 2.15 -1.86
N LEU A 11 2.11 1.61 -2.39
CA LEU A 11 1.55 2.17 -3.64
C LEU A 11 0.76 3.43 -3.31
N HIS A 12 0.38 3.56 -2.07
CA HIS A 12 -0.36 4.77 -1.65
C HIS A 12 0.63 5.90 -1.42
N SER A 13 1.75 5.57 -0.87
CA SER A 13 2.81 6.59 -0.64
C SER A 13 3.38 7.04 -1.97
N ALA A 14 3.16 6.26 -2.99
CA ALA A 14 3.67 6.65 -4.34
C ALA A 14 2.67 7.56 -5.02
N LYS A 15 1.45 7.55 -4.55
CA LYS A 15 0.40 8.41 -5.15
C LYS A 15 0.93 9.84 -5.32
N LYS A 16 0.34 10.61 -6.19
CA LYS A 16 0.81 12.01 -6.41
C LYS A 16 0.24 12.93 -5.33
N PHE A 17 0.40 14.21 -5.50
CA PHE A 17 -0.13 15.17 -4.49
C PHE A 17 -1.65 15.22 -4.55
N LYS A 1 0.82 -13.35 9.66
CA LYS A 1 -0.60 -13.43 9.20
C LYS A 1 -1.02 -12.10 8.55
N TRP A 2 -0.17 -11.53 7.74
CA TRP A 2 -0.53 -10.24 7.09
C TRP A 2 -1.54 -10.47 5.96
N LYS A 3 -1.64 -9.57 5.03
CA LYS A 3 -2.61 -9.73 3.91
C LYS A 3 -2.26 -8.81 2.75
N LEU A 4 -3.14 -8.67 1.80
CA LEU A 4 -2.87 -7.78 0.63
C LEU A 4 -2.90 -6.31 1.06
N PHE A 5 -3.20 -6.06 2.31
CA PHE A 5 -3.24 -4.66 2.80
C PHE A 5 -1.93 -3.95 2.47
N LYS A 6 -0.89 -4.70 2.22
CA LYS A 6 0.41 -4.07 1.89
C LYS A 6 0.39 -3.60 0.44
N LYS A 7 -0.46 -4.19 -0.35
CA LYS A 7 -0.56 -3.78 -1.77
C LYS A 7 -1.36 -2.48 -1.88
N ILE A 8 -2.19 -2.23 -0.92
CA ILE A 8 -2.99 -0.97 -0.93
C ILE A 8 -2.11 0.17 -0.44
N LYS A 9 -1.12 -0.15 0.32
CA LYS A 9 -0.19 0.89 0.81
C LYS A 9 0.80 1.23 -0.28
N PHE A 10 0.93 0.35 -1.24
CA PHE A 10 1.86 0.61 -2.36
C PHE A 10 1.23 1.62 -3.30
N LEU A 11 -0.08 1.70 -3.29
CA LEU A 11 -0.77 2.69 -4.15
C LEU A 11 -0.54 4.10 -3.60
N HIS A 12 -0.23 4.17 -2.34
CA HIS A 12 0.02 5.49 -1.70
C HIS A 12 1.36 6.03 -2.16
N SER A 13 2.31 5.17 -2.34
CA SER A 13 3.65 5.61 -2.80
C SER A 13 3.57 6.00 -4.27
N ALA A 14 2.59 5.48 -4.96
CA ALA A 14 2.42 5.82 -6.39
C ALA A 14 1.60 7.09 -6.54
N LYS A 15 0.97 7.51 -5.49
CA LYS A 15 0.15 8.75 -5.55
C LYS A 15 0.94 9.90 -6.19
N LYS A 16 0.25 10.89 -6.69
CA LYS A 16 0.96 12.04 -7.33
C LYS A 16 1.73 12.83 -6.27
N PHE A 17 2.84 13.42 -6.65
CA PHE A 17 3.64 14.19 -5.66
C PHE A 17 4.23 15.43 -6.34
#